data_1XT7
# 
_entry.id   1XT7 
# 
_audit_conform.dict_name       mmcif_pdbx.dic 
_audit_conform.dict_version    5.403 
_audit_conform.dict_location   http://mmcif.pdb.org/dictionaries/ascii/mmcif_pdbx.dic 
# 
loop_
_database_2.database_id 
_database_2.database_code 
_database_2.pdbx_database_accession 
_database_2.pdbx_DOI 
PDB   1XT7         pdb_00001xt7 10.2210/pdb1xt7/pdb 
RCSB  RCSB030740   ?            ?                   
WWPDB D_1000030740 ?            ?                   
# 
loop_
_pdbx_audit_revision_history.ordinal 
_pdbx_audit_revision_history.data_content_type 
_pdbx_audit_revision_history.major_revision 
_pdbx_audit_revision_history.minor_revision 
_pdbx_audit_revision_history.revision_date 
_pdbx_audit_revision_history.part_number 
1 'Structure model' 1 0 2004-11-16 ? 
2 'Structure model' 1 1 2011-06-14 ? 
3 'Structure model' 1 2 2011-07-13 ? 
4 'Structure model' 1 3 2011-07-27 ? 
5 'Structure model' 1 4 2012-12-12 ? 
6 'Structure model' 1 5 2025-03-26 ? 
# 
_pdbx_audit_revision_details.ordinal             1 
_pdbx_audit_revision_details.revision_ordinal    1 
_pdbx_audit_revision_details.data_content_type   'Structure model' 
_pdbx_audit_revision_details.provider            repository 
_pdbx_audit_revision_details.type                'Initial release' 
_pdbx_audit_revision_details.description         ? 
_pdbx_audit_revision_details.details             ? 
# 
loop_
_pdbx_audit_revision_group.ordinal 
_pdbx_audit_revision_group.revision_ordinal 
_pdbx_audit_revision_group.data_content_type 
_pdbx_audit_revision_group.group 
1  2 'Structure model' 'Version format compliance' 
2  3 'Structure model' 'Version format compliance' 
3  4 'Structure model' 'Atomic model'              
4  4 'Structure model' 'Database references'       
5  4 'Structure model' 'Derived calculations'      
6  4 'Structure model' 'Non-polymer description'   
7  4 'Structure model' 'Structure summary'         
8  5 'Structure model' Other                       
9  6 'Structure model' 'Data collection'           
10 6 'Structure model' 'Database references'       
11 6 'Structure model' 'Derived calculations'      
12 6 'Structure model' 'Structure summary'         
# 
loop_
_pdbx_audit_revision_category.ordinal 
_pdbx_audit_revision_category.revision_ordinal 
_pdbx_audit_revision_category.data_content_type 
_pdbx_audit_revision_category.category 
1 6 'Structure model' chem_comp_atom            
2 6 'Structure model' chem_comp_bond            
3 6 'Structure model' database_2                
4 6 'Structure model' pdbx_entry_details        
5 6 'Structure model' pdbx_modification_feature 
6 6 'Structure model' struct_conn               
# 
loop_
_pdbx_audit_revision_item.ordinal 
_pdbx_audit_revision_item.revision_ordinal 
_pdbx_audit_revision_item.data_content_type 
_pdbx_audit_revision_item.item 
1 6 'Structure model' '_database_2.pdbx_DOI'                         
2 6 'Structure model' '_database_2.pdbx_database_accession'          
3 6 'Structure model' '_pdbx_entry_details.has_protein_modification' 
4 6 'Structure model' '_struct_conn.pdbx_leaving_atom_flag'          
# 
_database_PDB_caveat.id     1 
_database_PDB_caveat.text   'DSG A    3  C-ALPHA WRONG HAND' 
# 
_pdbx_database_status.status_code                     REL 
_pdbx_database_status.entry_id                        1XT7 
_pdbx_database_status.recvd_initial_deposition_date   2004-10-21 
_pdbx_database_status.deposit_site                    RCSB 
_pdbx_database_status.process_site                    PDBJ 
_pdbx_database_status.status_code_mr                  REL 
_pdbx_database_status.SG_entry                        . 
_pdbx_database_status.status_code_sf                  ? 
_pdbx_database_status.pdb_format_compatible           Y 
_pdbx_database_status.status_code_cs                  ? 
_pdbx_database_status.status_code_nmr_data            ? 
_pdbx_database_status.methods_development_category    ? 
# 
loop_
_pdbx_database_related.db_name 
_pdbx_database_related.db_id 
_pdbx_database_related.content_type 
_pdbx_database_related.details 
PDB 1T5N unspecified 'SOLUTION STRUCTURE OF THE CALCIUM-DEPENDENT ANTIBIOTIC DAPTOMYCIN' 
PDB 1T5M unspecified 'SOLUTION STRUCTURE OF THE CALCIUM-DEPENDENT ANTIBIOTIC DAPTOMYCIN' 
# 
loop_
_audit_author.name 
_audit_author.pdbx_ordinal 
'Ball, L.-J.'     1 
'Goult, C.M.'     2 
'Donarski, J.A.'  3 
'Micklefield, J.' 4 
'Ramesh, V.'      5 
# 
_citation.id                        primary 
_citation.title                     'NMR Structure Determination and Calcium Binding Effects of Lipopeptide Antibiotic Daptomycin' 
_citation.journal_abbrev            Org.Biomol.Chem. 
_citation.journal_volume            2 
_citation.page_first                1872 
_citation.page_last                 ? 
_citation.year                      2004 
_citation.journal_id_ASTM           ? 
_citation.country                   UK 
_citation.journal_id_ISSN           1477-0520 
_citation.journal_id_CSD            ? 
_citation.book_publisher            ? 
_citation.pdbx_database_id_PubMed   15227539 
_citation.pdbx_database_id_DOI      10.1039/B402722A 
# 
loop_
_citation_author.citation_id 
_citation_author.name 
_citation_author.ordinal 
_citation_author.identifier_ORCID 
primary 'Ball, L.-J.'     1 ? 
primary 'Goult, C.M.'     2 ? 
primary 'Donarski, J.A.'  3 ? 
primary 'Micklefield, J.' 4 ? 
primary 'Ramesh, V.'      5 ? 
# 
loop_
_entity.id 
_entity.type 
_entity.src_method 
_entity.pdbx_description 
_entity.formula_weight 
_entity.pdbx_number_of_molecules 
_entity.pdbx_ec 
_entity.pdbx_mutation 
_entity.pdbx_fragment 
_entity.details 
1 polymer     syn DAPTOMYCIN      1484.440 1 ? ? ? ? 
2 non-polymer syn 'DECANOIC ACID' 172.265  1 ? ? ? ? 
# 
_entity_name_com.entity_id   1 
_entity_name_com.name        'A21978C, CUBICIN' 
# 
_entity_poly.entity_id                      1 
_entity_poly.type                           'polypeptide(L)' 
_entity_poly.nstd_linkage                   no 
_entity_poly.nstd_monomer                   yes 
_entity_poly.pdbx_seq_one_letter_code       'W(DSG)DTG(ORN)D(DAL)DG(DSN)(LME)(KYN)' 
_entity_poly.pdbx_seq_one_letter_code_can   WNDTGADADGSEW 
_entity_poly.pdbx_strand_id                 A 
_entity_poly.pdbx_target_identifier         ? 
# 
_pdbx_entity_nonpoly.entity_id   2 
_pdbx_entity_nonpoly.name        'DECANOIC ACID' 
_pdbx_entity_nonpoly.comp_id     DKA 
# 
loop_
_entity_poly_seq.entity_id 
_entity_poly_seq.num 
_entity_poly_seq.mon_id 
_entity_poly_seq.hetero 
1 1  TRP n 
1 2  DSG n 
1 3  ASP n 
1 4  THR n 
1 5  GLY n 
1 6  ORN n 
1 7  ASP n 
1 8  DAL n 
1 9  ASP n 
1 10 GLY n 
1 11 DSN n 
1 12 LME n 
1 13 KYN n 
# 
_pdbx_entity_src_syn.entity_id              1 
_pdbx_entity_src_syn.pdbx_src_id            1 
_pdbx_entity_src_syn.pdbx_alt_source_flag   sample 
_pdbx_entity_src_syn.pdbx_beg_seq_num       ? 
_pdbx_entity_src_syn.pdbx_end_seq_num       ? 
_pdbx_entity_src_syn.organism_scientific    'STREPTOMYCES ROSEOSPORUS' 
_pdbx_entity_src_syn.organism_common_name   ? 
_pdbx_entity_src_syn.ncbi_taxonomy_id       67294 
_pdbx_entity_src_syn.details                ? 
# 
loop_
_chem_comp.id 
_chem_comp.type 
_chem_comp.mon_nstd_flag 
_chem_comp.name 
_chem_comp.pdbx_synonyms 
_chem_comp.formula 
_chem_comp.formula_weight 
ASP 'L-peptide linking' y 'ASPARTIC ACID'                                     ?                               'C4 H7 N O4'    
133.103 
DAL 'D-peptide linking' . D-ALANINE                                           ?                               'C3 H7 N O2'    
89.093  
DKA non-polymer         . 'DECANOIC ACID'                                     ?                               'C10 H20 O2'    
172.265 
DSG 'D-peptide linking' . D-ASPARAGINE                                        ?                               'C4 H8 N2 O3'   
132.118 
DSN 'D-peptide linking' . D-SERINE                                            ?                               'C3 H7 N O3'    
105.093 
GLY 'peptide linking'   y GLYCINE                                             ?                               'C2 H5 N O2'    
75.067  
KYN 'L-peptide linking' n '(2S)-2-amino-4-(2-aminophenyl)-4-oxobutanoic acid' L-KYNURENINE                    'C10 H12 N2 O3' 
208.214 
LME 'L-peptide linking' n '(2S,3R)-2-azanyl-3-methyl-pentanedioic acid'       '(3R)-3-methyl-L-glutamic acid' 'C6 H11 N O4'   
161.156 
ORN 'L-peptide linking' n L-ornithine                                         ?                               'C5 H12 N2 O2'  
132.161 
THR 'L-peptide linking' y THREONINE                                           ?                               'C4 H9 N O3'    
119.119 
TRP 'L-peptide linking' y TRYPTOPHAN                                          ?                               'C11 H12 N2 O2' 
204.225 
# 
loop_
_pdbx_poly_seq_scheme.asym_id 
_pdbx_poly_seq_scheme.entity_id 
_pdbx_poly_seq_scheme.seq_id 
_pdbx_poly_seq_scheme.mon_id 
_pdbx_poly_seq_scheme.ndb_seq_num 
_pdbx_poly_seq_scheme.pdb_seq_num 
_pdbx_poly_seq_scheme.auth_seq_num 
_pdbx_poly_seq_scheme.pdb_mon_id 
_pdbx_poly_seq_scheme.auth_mon_id 
_pdbx_poly_seq_scheme.pdb_strand_id 
_pdbx_poly_seq_scheme.pdb_ins_code 
_pdbx_poly_seq_scheme.hetero 
A 1 1  TRP 1  2  2  TRP TRP A . n 
A 1 2  DSG 2  3  3  DSG DSG A . n 
A 1 3  ASP 3  4  4  ASP ASP A . n 
A 1 4  THR 4  5  5  THR THR A . n 
A 1 5  GLY 5  6  6  GLY GLY A . n 
A 1 6  ORN 6  7  7  ORN ORN A . n 
A 1 7  ASP 7  8  8  ASP ASP A . n 
A 1 8  DAL 8  9  9  DAL DAL A . n 
A 1 9  ASP 9  10 10 ASP ASP A . n 
A 1 10 GLY 10 11 11 GLY GLY A . n 
A 1 11 DSN 11 12 12 DSN DSN A . n 
A 1 12 LME 12 13 13 LME LME A . n 
A 1 13 KYN 13 14 14 KYN KYN A . n 
# 
_pdbx_nonpoly_scheme.asym_id         B 
_pdbx_nonpoly_scheme.entity_id       2 
_pdbx_nonpoly_scheme.mon_id          DKA 
_pdbx_nonpoly_scheme.ndb_seq_num     1 
_pdbx_nonpoly_scheme.pdb_seq_num     1 
_pdbx_nonpoly_scheme.auth_seq_num    1 
_pdbx_nonpoly_scheme.pdb_mon_id      DKA 
_pdbx_nonpoly_scheme.auth_mon_id     DKA 
_pdbx_nonpoly_scheme.pdb_strand_id   A 
_pdbx_nonpoly_scheme.pdb_ins_code    . 
# 
_cell.entry_id           1XT7 
_cell.length_a           1.000 
_cell.length_b           1.000 
_cell.length_c           1.000 
_cell.angle_alpha        90.00 
_cell.angle_beta         90.00 
_cell.angle_gamma        90.00 
_cell.Z_PDB              1 
_cell.pdbx_unique_axis   ? 
# 
_symmetry.entry_id                         1XT7 
_symmetry.space_group_name_H-M             'P 1' 
_symmetry.pdbx_full_space_group_name_H-M   ? 
_symmetry.cell_setting                     ? 
_symmetry.Int_Tables_number                1 
# 
_exptl.entry_id          1XT7 
_exptl.method            'SOLUTION NMR' 
_exptl.crystals_number   ? 
# 
_exptl_crystal.id                    1 
_exptl_crystal.density_meas          ? 
_exptl_crystal.density_Matthews      ? 
_exptl_crystal.density_percent_sol   ? 
_exptl_crystal.description           ? 
# 
_diffrn.id                     1 
_diffrn.ambient_temp           ? 
_diffrn.ambient_temp_details   ? 
_diffrn.crystal_id             1 
# 
_diffrn_radiation.diffrn_id                        1 
_diffrn_radiation.wavelength_id                    1 
_diffrn_radiation.pdbx_monochromatic_or_laue_m_l   M 
_diffrn_radiation.monochromator                    ? 
_diffrn_radiation.pdbx_diffrn_protocol             'SINGLE WAVELENGTH' 
_diffrn_radiation.pdbx_scattering_type             x-ray 
# 
_diffrn_radiation_wavelength.id           1 
_diffrn_radiation_wavelength.wavelength   . 
_diffrn_radiation_wavelength.wt           1.0 
# 
_struct.entry_id                  1XT7 
_struct.title                     'Daptomycin NMR Structure' 
_struct.pdbx_model_details        ? 
_struct.pdbx_CASP_flag            ? 
_struct.pdbx_model_type_details   ? 
# 
_struct_keywords.entry_id        1XT7 
_struct_keywords.pdbx_keywords   ANTIBIOTIC 
_struct_keywords.text            'DAPTOMYCIN, CUBICIN, ANTIBIOTIC, LIPOPEPTIDE, CALCIUM-DEPENDENT' 
# 
loop_
_struct_asym.id 
_struct_asym.pdbx_blank_PDB_chainid_flag 
_struct_asym.pdbx_modified 
_struct_asym.entity_id 
_struct_asym.details 
A N N 1 ? 
B N N 2 ? 
# 
_struct_ref.id                         1 
_struct_ref.db_name                    NOR 
_struct_ref.db_code                    NOR00001 
_struct_ref.entity_id                  1 
_struct_ref.pdbx_seq_one_letter_code   ? 
_struct_ref.pdbx_align_begin           ? 
_struct_ref.pdbx_db_accession          NOR00001 
_struct_ref.pdbx_db_isoform            ? 
# 
_struct_ref_seq.align_id                      1 
_struct_ref_seq.ref_id                        1 
_struct_ref_seq.pdbx_PDB_id_code              1XT7 
_struct_ref_seq.pdbx_strand_id                A 
_struct_ref_seq.seq_align_beg                 1 
_struct_ref_seq.pdbx_seq_align_beg_ins_code   ? 
_struct_ref_seq.seq_align_end                 13 
_struct_ref_seq.pdbx_seq_align_end_ins_code   ? 
_struct_ref_seq.pdbx_db_accession             NOR00001 
_struct_ref_seq.db_align_beg                  2 
_struct_ref_seq.pdbx_db_align_beg_ins_code    ? 
_struct_ref_seq.db_align_end                  14 
_struct_ref_seq.pdbx_db_align_end_ins_code    ? 
_struct_ref_seq.pdbx_auth_seq_align_beg       2 
_struct_ref_seq.pdbx_auth_seq_align_end       14 
# 
_pdbx_struct_assembly.id                   1 
_pdbx_struct_assembly.details              author_and_software_defined_assembly 
_pdbx_struct_assembly.method_details       PISA 
_pdbx_struct_assembly.oligomeric_details   monomeric 
_pdbx_struct_assembly.oligomeric_count     1 
# 
_pdbx_struct_assembly_gen.assembly_id       1 
_pdbx_struct_assembly_gen.oper_expression   1 
_pdbx_struct_assembly_gen.asym_id_list      A,B 
# 
_pdbx_struct_oper_list.id                   1 
_pdbx_struct_oper_list.type                 'identity operation' 
_pdbx_struct_oper_list.name                 1_555 
_pdbx_struct_oper_list.symmetry_operation   x,y,z 
_pdbx_struct_oper_list.matrix[1][1]         1.0000000000 
_pdbx_struct_oper_list.matrix[1][2]         0.0000000000 
_pdbx_struct_oper_list.matrix[1][3]         0.0000000000 
_pdbx_struct_oper_list.vector[1]            0.0000000000 
_pdbx_struct_oper_list.matrix[2][1]         0.0000000000 
_pdbx_struct_oper_list.matrix[2][2]         1.0000000000 
_pdbx_struct_oper_list.matrix[2][3]         0.0000000000 
_pdbx_struct_oper_list.vector[2]            0.0000000000 
_pdbx_struct_oper_list.matrix[3][1]         0.0000000000 
_pdbx_struct_oper_list.matrix[3][2]         0.0000000000 
_pdbx_struct_oper_list.matrix[3][3]         1.0000000000 
_pdbx_struct_oper_list.vector[3]            0.0000000000 
# 
_struct_biol.id   1 
# 
loop_
_struct_conn.id 
_struct_conn.conn_type_id 
_struct_conn.pdbx_leaving_atom_flag 
_struct_conn.pdbx_PDB_id 
_struct_conn.ptnr1_label_asym_id 
_struct_conn.ptnr1_label_comp_id 
_struct_conn.ptnr1_label_seq_id 
_struct_conn.ptnr1_label_atom_id 
_struct_conn.pdbx_ptnr1_label_alt_id 
_struct_conn.pdbx_ptnr1_PDB_ins_code 
_struct_conn.pdbx_ptnr1_standard_comp_id 
_struct_conn.ptnr1_symmetry 
_struct_conn.ptnr2_label_asym_id 
_struct_conn.ptnr2_label_comp_id 
_struct_conn.ptnr2_label_seq_id 
_struct_conn.ptnr2_label_atom_id 
_struct_conn.pdbx_ptnr2_label_alt_id 
_struct_conn.pdbx_ptnr2_PDB_ins_code 
_struct_conn.ptnr1_auth_asym_id 
_struct_conn.ptnr1_auth_comp_id 
_struct_conn.ptnr1_auth_seq_id 
_struct_conn.ptnr2_auth_asym_id 
_struct_conn.ptnr2_auth_comp_id 
_struct_conn.ptnr2_auth_seq_id 
_struct_conn.ptnr2_symmetry 
_struct_conn.pdbx_ptnr3_label_atom_id 
_struct_conn.pdbx_ptnr3_label_seq_id 
_struct_conn.pdbx_ptnr3_label_comp_id 
_struct_conn.pdbx_ptnr3_label_asym_id 
_struct_conn.pdbx_ptnr3_label_alt_id 
_struct_conn.pdbx_ptnr3_PDB_ins_code 
_struct_conn.details 
_struct_conn.pdbx_dist_value 
_struct_conn.pdbx_value_order 
_struct_conn.pdbx_role 
covale1  covale both ? B DKA .  C1  ? ? ? 1_555 A TRP 1  N ? ? A DKA 1  A TRP 2  1_555 ? ? ? ? ? ? ? 1.322 ? ? 
covale2  covale both ? A TRP 1  C   ? ? ? 1_555 A DSG 2  N ? ? A TRP 2  A DSG 3  1_555 ? ? ? ? ? ? ? 1.324 ? ? 
covale3  covale both ? A DSG 2  C   ? ? ? 1_555 A ASP 3  N ? ? A DSG 3  A ASP 4  1_555 ? ? ? ? ? ? ? 1.323 ? ? 
covale4  covale one  ? A THR 4  OG1 ? ? ? 1_555 A KYN 13 C ? ? A THR 5  A KYN 14 1_555 ? ? ? ? ? ? ? 1.362 ? ? 
covale5  covale both ? A GLY 5  C   ? ? ? 1_555 A ORN 6  N ? ? A GLY 6  A ORN 7  1_555 ? ? ? ? ? ? ? 1.325 ? ? 
covale6  covale both ? A ORN 6  C   ? ? ? 1_555 A ASP 7  N ? ? A ORN 7  A ASP 8  1_555 ? ? ? ? ? ? ? 1.325 ? ? 
covale7  covale both ? A ASP 7  C   ? ? ? 1_555 A DAL 8  N ? ? A ASP 8  A DAL 9  1_555 ? ? ? ? ? ? ? 1.324 ? ? 
covale8  covale both ? A DAL 8  C   ? ? ? 1_555 A ASP 9  N ? ? A DAL 9  A ASP 10 1_555 ? ? ? ? ? ? ? 1.324 ? ? 
covale9  covale both ? A GLY 10 C   ? ? ? 1_555 A DSN 11 N ? ? A GLY 11 A DSN 12 1_555 ? ? ? ? ? ? ? 1.321 ? ? 
covale10 covale both ? A DSN 11 C   ? ? ? 1_555 A LME 12 N ? ? A DSN 12 A LME 13 1_555 ? ? ? ? ? ? ? 1.325 ? ? 
covale11 covale both ? A LME 12 C   ? ? ? 1_555 A KYN 13 N ? ? A LME 13 A KYN 14 1_555 ? ? ? ? ? ? ? 1.325 ? ? 
# 
_struct_conn_type.id          covale 
_struct_conn_type.criteria    ? 
_struct_conn_type.reference   ? 
# 
loop_
_pdbx_modification_feature.ordinal 
_pdbx_modification_feature.label_comp_id 
_pdbx_modification_feature.label_asym_id 
_pdbx_modification_feature.label_seq_id 
_pdbx_modification_feature.label_alt_id 
_pdbx_modification_feature.modified_residue_label_comp_id 
_pdbx_modification_feature.modified_residue_label_asym_id 
_pdbx_modification_feature.modified_residue_label_seq_id 
_pdbx_modification_feature.modified_residue_label_alt_id 
_pdbx_modification_feature.auth_comp_id 
_pdbx_modification_feature.auth_asym_id 
_pdbx_modification_feature.auth_seq_id 
_pdbx_modification_feature.PDB_ins_code 
_pdbx_modification_feature.symmetry 
_pdbx_modification_feature.modified_residue_auth_comp_id 
_pdbx_modification_feature.modified_residue_auth_asym_id 
_pdbx_modification_feature.modified_residue_auth_seq_id 
_pdbx_modification_feature.modified_residue_PDB_ins_code 
_pdbx_modification_feature.modified_residue_symmetry 
_pdbx_modification_feature.comp_id_linking_atom 
_pdbx_modification_feature.modified_residue_id_linking_atom 
_pdbx_modification_feature.modified_residue_id 
_pdbx_modification_feature.ref_pcm_id 
_pdbx_modification_feature.ref_comp_id 
_pdbx_modification_feature.type 
_pdbx_modification_feature.category 
1 ORN A 6  ? .   . .  . ORN A 7  ? 1_555 .   . .  . .     .   . ?   1 ORN Ornithine     'Named protein modification' 
2 LME A 12 ? .   . .  . LME A 13 ? 1_555 .   . .  . .     .   . GLU 1 LME Methylation   'Named protein modification' 
3 KYN A 13 ? .   . .  . KYN A 14 ? 1_555 .   . .  . .     .   . TRP 1 KYN None          'Non-standard residue'       
4 DKA B .  ? TRP A 1  ? DKA A 1  ? 1_555 TRP A 2  ? 1_555 C1  N TRP 4 DKA Decanoylation Lipid/lipid-like             
5 THR A 4  ? KYN A 13 ? THR A 5  ? 1_555 KYN A 14 ? 1_555 OG1 C .   . .   None          'Non-standard linkage'       
# 
_pdbx_entry_details.entry_id                   1XT7 
_pdbx_entry_details.compound_details           
;DAPTOMYCIN IS A CYCLIC TRIDECAMER LIPOPETIDE.
 HERE, DAPTOMYCIN IS REPRESENTED BY GROUPING TOGETHER THE
 SEQUENCE (SEQRES) AND ONE LIGAND (HET) DKA.
;
_pdbx_entry_details.source_details             ? 
_pdbx_entry_details.nonpolymer_details         ? 
_pdbx_entry_details.sequence_details           ? 
_pdbx_entry_details.has_ligand_of_interest     ? 
_pdbx_entry_details.has_protein_modification   Y 
# 
_pdbx_validate_close_contact.id               1 
_pdbx_validate_close_contact.PDB_model_num    1 
_pdbx_validate_close_contact.auth_atom_id_1   OG1 
_pdbx_validate_close_contact.auth_asym_id_1   A 
_pdbx_validate_close_contact.auth_comp_id_1   THR 
_pdbx_validate_close_contact.auth_seq_id_1    5 
_pdbx_validate_close_contact.PDB_ins_code_1   ? 
_pdbx_validate_close_contact.label_alt_id_1   ? 
_pdbx_validate_close_contact.auth_atom_id_2   O 
_pdbx_validate_close_contact.auth_asym_id_2   A 
_pdbx_validate_close_contact.auth_comp_id_2   KYN 
_pdbx_validate_close_contact.auth_seq_id_2    14 
_pdbx_validate_close_contact.PDB_ins_code_2   ? 
_pdbx_validate_close_contact.label_alt_id_2   ? 
_pdbx_validate_close_contact.dist             2.18 
# 
loop_
_pdbx_validate_rmsd_bond.id 
_pdbx_validate_rmsd_bond.PDB_model_num 
_pdbx_validate_rmsd_bond.auth_atom_id_1 
_pdbx_validate_rmsd_bond.auth_asym_id_1 
_pdbx_validate_rmsd_bond.auth_comp_id_1 
_pdbx_validate_rmsd_bond.auth_seq_id_1 
_pdbx_validate_rmsd_bond.PDB_ins_code_1 
_pdbx_validate_rmsd_bond.label_alt_id_1 
_pdbx_validate_rmsd_bond.auth_atom_id_2 
_pdbx_validate_rmsd_bond.auth_asym_id_2 
_pdbx_validate_rmsd_bond.auth_comp_id_2 
_pdbx_validate_rmsd_bond.auth_seq_id_2 
_pdbx_validate_rmsd_bond.PDB_ins_code_2 
_pdbx_validate_rmsd_bond.label_alt_id_2 
_pdbx_validate_rmsd_bond.bond_value 
_pdbx_validate_rmsd_bond.bond_target_value 
_pdbx_validate_rmsd_bond.bond_deviation 
_pdbx_validate_rmsd_bond.bond_standard_deviation 
_pdbx_validate_rmsd_bond.linker_flag 
1 1 CG A ASP 8  ? ? OD1 A ASP 8  ? ? 1.411 1.249 0.162  0.023 N 
2 1 CB A DSN 12 ? ? OG  A DSN 12 ? ? 1.250 1.418 -0.168 0.013 N 
# 
_pdbx_validate_torsion.id              1 
_pdbx_validate_torsion.PDB_model_num   1 
_pdbx_validate_torsion.auth_comp_id    ORN 
_pdbx_validate_torsion.auth_asym_id    A 
_pdbx_validate_torsion.auth_seq_id     7 
_pdbx_validate_torsion.PDB_ins_code    ? 
_pdbx_validate_torsion.label_alt_id    ? 
_pdbx_validate_torsion.phi             78.02 
_pdbx_validate_torsion.psi             44.57 
# 
_pdbx_validate_chiral.id              1 
_pdbx_validate_chiral.PDB_model_num   1 
_pdbx_validate_chiral.auth_atom_id    CA 
_pdbx_validate_chiral.label_alt_id    ? 
_pdbx_validate_chiral.auth_asym_id    A 
_pdbx_validate_chiral.auth_comp_id    DSG 
_pdbx_validate_chiral.auth_seq_id     3 
_pdbx_validate_chiral.PDB_ins_code    ? 
_pdbx_validate_chiral.details         'WRONG HAND' 
_pdbx_validate_chiral.omega           . 
# 
_pdbx_molecule_features.prd_id    PRD_000217 
_pdbx_molecule_features.name      Daptomycin 
_pdbx_molecule_features.type      'Cyclic lipopeptide' 
_pdbx_molecule_features.class     Antibiotic 
_pdbx_molecule_features.details   
;DAPTOMYCIN IS AN ACIDIC CYCLIC LIPOPEPTIDE.
 THE SCAFFOLD IS MADE OF TWO PARTS:
 (1) THREE RESIDUES N-TERM EXOCYCLIC PART
 (2) A DECAPEPTIDE LACTONE RING DERIVED FROM
     CYCLISATION OF THR3 SIDE CHAIN ONTO THE C-TER
     CARBOXYL GROUP
 THE N-DECANOYL FATTY ACID IS LINKED TO THE
 MAIN BODY OF THE MOLECULE VIA N-TERM ACYLATION.
;
# 
loop_
_pdbx_molecule.instance_id 
_pdbx_molecule.prd_id 
_pdbx_molecule.asym_id 
1 PRD_000217 A 
1 PRD_000217 B 
# 
_pdbx_nmr_ensemble.entry_id                             1XT7 
_pdbx_nmr_ensemble.conformers_calculated_total_number   ? 
_pdbx_nmr_ensemble.conformers_submitted_total_number    1 
_pdbx_nmr_ensemble.conformer_selection_criteria         ? 
# 
loop_
_pdbx_nmr_sample_details.solution_id 
_pdbx_nmr_sample_details.contents 
1 '0.8MM DAPTOMYCIN' 
2 'PH 5.05'          
# 
_pdbx_nmr_exptl_sample_conditions.conditions_id       1 
_pdbx_nmr_exptl_sample_conditions.temperature         298 
_pdbx_nmr_exptl_sample_conditions.pressure_units      ? 
_pdbx_nmr_exptl_sample_conditions.pressure            AMBIENT 
_pdbx_nmr_exptl_sample_conditions.pH                  5.05 
_pdbx_nmr_exptl_sample_conditions.ionic_strength      ? 
_pdbx_nmr_exptl_sample_conditions.temperature_units   K 
# 
_pdbx_nmr_exptl.experiment_id   1 
_pdbx_nmr_exptl.conditions_id   1 
_pdbx_nmr_exptl.type            '2D NOESY' 
_pdbx_nmr_exptl.solution_id     1 
# 
_pdbx_nmr_details.entry_id   1XT7 
_pdbx_nmr_details.text       'THIS STRUCTURE WAS DETERMINED USING STANDARD 2D HOMONUCLEAR TECHNIQUES.' 
# 
_pdbx_nmr_refine.entry_id           1XT7 
_pdbx_nmr_refine.method             'CONSTRAINED MOLECULAR DYNAMICS' 
_pdbx_nmr_refine.details            'A TOTAL OF 52 DISTANCE RESTRAINTS WERE USED FOR NMR STRUCTURE CALCULATION.' 
_pdbx_nmr_refine.software_ordinal   1 
# 
loop_
_pdbx_nmr_software.classification 
_pdbx_nmr_software.name 
_pdbx_nmr_software.version 
_pdbx_nmr_software.authors 
_pdbx_nmr_software.ordinal 
refinement           'DYANA 1.5'   ? 'GUNTERT, P.' 1 
'structure solution' 'XWINNMR 3.5' ? ?             2 
'structure solution' 'NMRPIPE 1.0' ? ?             3 
'structure solution' 'SPARKY 3.0'  ? ?             4 
'structure solution' 'DYANA 1.5'   ? ?             5 
# 
loop_
_chem_comp_atom.comp_id 
_chem_comp_atom.atom_id 
_chem_comp_atom.type_symbol 
_chem_comp_atom.pdbx_aromatic_flag 
_chem_comp_atom.pdbx_stereo_config 
_chem_comp_atom.pdbx_ordinal 
ASP N    N N N 1   
ASP CA   C N S 2   
ASP C    C N N 3   
ASP O    O N N 4   
ASP CB   C N N 5   
ASP CG   C N N 6   
ASP OD1  O N N 7   
ASP OD2  O N N 8   
ASP OXT  O N N 9   
ASP H    H N N 10  
ASP H2   H N N 11  
ASP HA   H N N 12  
ASP HB2  H N N 13  
ASP HB3  H N N 14  
ASP HD2  H N N 15  
ASP HXT  H N N 16  
DAL N    N N N 17  
DAL CA   C N R 18  
DAL CB   C N N 19  
DAL C    C N N 20  
DAL O    O N N 21  
DAL OXT  O N N 22  
DAL H    H N N 23  
DAL H2   H N N 24  
DAL HA   H N N 25  
DAL HB1  H N N 26  
DAL HB2  H N N 27  
DAL HB3  H N N 28  
DAL HXT  H N N 29  
DKA C1   C N N 30  
DKA O1   O N N 31  
DKA C2   C N N 32  
DKA C3   C N N 33  
DKA C4   C N N 34  
DKA C5   C N N 35  
DKA C6   C N N 36  
DKA C7   C N N 37  
DKA C8   C N N 38  
DKA C9   C N N 39  
DKA C10  C N N 40  
DKA O2   O N N 41  
DKA H21  H N N 42  
DKA H22  H N N 43  
DKA H31  H N N 44  
DKA H32  H N N 45  
DKA H41  H N N 46  
DKA H42  H N N 47  
DKA H51  H N N 48  
DKA H52  H N N 49  
DKA H61  H N N 50  
DKA H62  H N N 51  
DKA H71  H N N 52  
DKA H72  H N N 53  
DKA H81  H N N 54  
DKA H82  H N N 55  
DKA H91  H N N 56  
DKA H92  H N N 57  
DKA H101 H N N 58  
DKA H102 H N N 59  
DKA H103 H N N 60  
DKA HO2  H N N 61  
DSG N    N N N 62  
DSG CA   C N R 63  
DSG C    C N N 64  
DSG O    O N N 65  
DSG CB   C N N 66  
DSG CG   C N N 67  
DSG OD1  O N N 68  
DSG ND2  N N N 69  
DSG OXT  O N N 70  
DSG H    H N N 71  
DSG H2   H N N 72  
DSG HA   H N N 73  
DSG HB2  H N N 74  
DSG HB3  H N N 75  
DSG HD21 H N N 76  
DSG HD22 H N N 77  
DSG HXT  H N N 78  
DSN N    N N N 79  
DSN CA   C N R 80  
DSN C    C N N 81  
DSN O    O N N 82  
DSN OXT  O N N 83  
DSN CB   C N N 84  
DSN OG   O N N 85  
DSN H    H N N 86  
DSN H2   H N N 87  
DSN HA   H N N 88  
DSN HXT  H N N 89  
DSN HB2  H N N 90  
DSN HB3  H N N 91  
DSN HG   H N N 92  
GLY N    N N N 93  
GLY CA   C N N 94  
GLY C    C N N 95  
GLY O    O N N 96  
GLY OXT  O N N 97  
GLY H    H N N 98  
GLY H2   H N N 99  
GLY HA2  H N N 100 
GLY HA3  H N N 101 
GLY HXT  H N N 102 
KYN C    C N N 103 
KYN N    N N N 104 
KYN OXT  O N N 105 
KYN C1   C N N 106 
KYN N1   N N N 107 
KYN O2   O N N 108 
KYN CA   C N S 109 
KYN CB   C N N 110 
KYN CG   C Y N 111 
KYN CZ   C Y N 112 
KYN CD1  C Y N 113 
KYN CD2  C Y N 114 
KYN CE1  C Y N 115 
KYN CE2  C Y N 116 
KYN O    O N N 117 
KYN H    H N N 118 
KYN H2   H N N 119 
KYN HXT  H N N 120 
KYN HN1  H N N 121 
KYN HN1A H N N 122 
KYN HA   H N N 123 
KYN HB   H N N 124 
KYN HBA  H N N 125 
KYN HZ   H N N 126 
KYN HD1  H N N 127 
KYN HE1  H N N 128 
KYN HE2  H N N 129 
LME N    N N N 130 
LME CA   C N S 131 
LME CB   C N R 132 
LME C1   C N N 133 
LME CG   C N N 134 
LME CD   C N N 135 
LME OE1  O N N 136 
LME OE2  O N N 137 
LME C    C N N 138 
LME O    O N N 139 
LME H2   H N N 140 
LME H    H N N 141 
LME HA   H N N 142 
LME HB   H N N 143 
LME H11  H N N 144 
LME H12  H N N 145 
LME H13  H N N 146 
LME HG2  H N N 147 
LME HG3  H N N 148 
LME HE2  H N N 149 
LME OXT  O N N 150 
LME HXT  H N N 151 
ORN N    N N N 152 
ORN CA   C N S 153 
ORN CB   C N N 154 
ORN CG   C N N 155 
ORN CD   C N N 156 
ORN NE   N N N 157 
ORN C    C N N 158 
ORN O    O N N 159 
ORN OXT  O N N 160 
ORN H    H N N 161 
ORN H2   H N N 162 
ORN HA   H N N 163 
ORN HB2  H N N 164 
ORN HB3  H N N 165 
ORN HG2  H N N 166 
ORN HG3  H N N 167 
ORN HD2  H N N 168 
ORN HD3  H N N 169 
ORN HE1  H N N 170 
ORN HE2  H N N 171 
ORN HXT  H N N 172 
THR N    N N N 173 
THR CA   C N S 174 
THR C    C N N 175 
THR O    O N N 176 
THR CB   C N R 177 
THR OG1  O N N 178 
THR CG2  C N N 179 
THR OXT  O N N 180 
THR H    H N N 181 
THR H2   H N N 182 
THR HA   H N N 183 
THR HB   H N N 184 
THR HG1  H N N 185 
THR HG21 H N N 186 
THR HG22 H N N 187 
THR HG23 H N N 188 
THR HXT  H N N 189 
TRP N    N N N 190 
TRP CA   C N S 191 
TRP C    C N N 192 
TRP O    O N N 193 
TRP CB   C N N 194 
TRP CG   C Y N 195 
TRP CD1  C Y N 196 
TRP CD2  C Y N 197 
TRP NE1  N Y N 198 
TRP CE2  C Y N 199 
TRP CE3  C Y N 200 
TRP CZ2  C Y N 201 
TRP CZ3  C Y N 202 
TRP CH2  C Y N 203 
TRP OXT  O N N 204 
TRP H    H N N 205 
TRP H2   H N N 206 
TRP HA   H N N 207 
TRP HB2  H N N 208 
TRP HB3  H N N 209 
TRP HD1  H N N 210 
TRP HE1  H N N 211 
TRP HE3  H N N 212 
TRP HZ2  H N N 213 
TRP HZ3  H N N 214 
TRP HH2  H N N 215 
TRP HXT  H N N 216 
# 
loop_
_chem_comp_bond.comp_id 
_chem_comp_bond.atom_id_1 
_chem_comp_bond.atom_id_2 
_chem_comp_bond.value_order 
_chem_comp_bond.pdbx_aromatic_flag 
_chem_comp_bond.pdbx_stereo_config 
_chem_comp_bond.pdbx_ordinal 
ASP N   CA   sing N N 1   
ASP N   H    sing N N 2   
ASP N   H2   sing N N 3   
ASP CA  C    sing N N 4   
ASP CA  CB   sing N N 5   
ASP CA  HA   sing N N 6   
ASP C   O    doub N N 7   
ASP C   OXT  sing N N 8   
ASP CB  CG   sing N N 9   
ASP CB  HB2  sing N N 10  
ASP CB  HB3  sing N N 11  
ASP CG  OD1  doub N N 12  
ASP CG  OD2  sing N N 13  
ASP OD2 HD2  sing N N 14  
ASP OXT HXT  sing N N 15  
DAL N   CA   sing N N 16  
DAL N   H    sing N N 17  
DAL N   H2   sing N N 18  
DAL CA  CB   sing N N 19  
DAL CA  C    sing N N 20  
DAL CA  HA   sing N N 21  
DAL CB  HB1  sing N N 22  
DAL CB  HB2  sing N N 23  
DAL CB  HB3  sing N N 24  
DAL C   O    doub N N 25  
DAL C   OXT  sing N N 26  
DAL OXT HXT  sing N N 27  
DKA C1  O1   doub N N 28  
DKA C1  C2   sing N N 29  
DKA C1  O2   sing N N 30  
DKA C2  C3   sing N N 31  
DKA C2  H21  sing N N 32  
DKA C2  H22  sing N N 33  
DKA C3  C4   sing N N 34  
DKA C3  H31  sing N N 35  
DKA C3  H32  sing N N 36  
DKA C4  C5   sing N N 37  
DKA C4  H41  sing N N 38  
DKA C4  H42  sing N N 39  
DKA C5  C6   sing N N 40  
DKA C5  H51  sing N N 41  
DKA C5  H52  sing N N 42  
DKA C6  C7   sing N N 43  
DKA C6  H61  sing N N 44  
DKA C6  H62  sing N N 45  
DKA C7  C8   sing N N 46  
DKA C7  H71  sing N N 47  
DKA C7  H72  sing N N 48  
DKA C8  C9   sing N N 49  
DKA C8  H81  sing N N 50  
DKA C8  H82  sing N N 51  
DKA C9  C10  sing N N 52  
DKA C9  H91  sing N N 53  
DKA C9  H92  sing N N 54  
DKA C10 H101 sing N N 55  
DKA C10 H102 sing N N 56  
DKA C10 H103 sing N N 57  
DKA O2  HO2  sing N N 58  
DSG N   CA   sing N N 59  
DSG N   H    sing N N 60  
DSG N   H2   sing N N 61  
DSG CA  C    sing N N 62  
DSG CA  CB   sing N N 63  
DSG CA  HA   sing N N 64  
DSG C   O    doub N N 65  
DSG C   OXT  sing N N 66  
DSG CB  CG   sing N N 67  
DSG CB  HB2  sing N N 68  
DSG CB  HB3  sing N N 69  
DSG CG  OD1  doub N N 70  
DSG CG  ND2  sing N N 71  
DSG ND2 HD21 sing N N 72  
DSG ND2 HD22 sing N N 73  
DSG OXT HXT  sing N N 74  
DSN N   CA   sing N N 75  
DSN N   H    sing N N 76  
DSN N   H2   sing N N 77  
DSN CA  C    sing N N 78  
DSN CA  CB   sing N N 79  
DSN CA  HA   sing N N 80  
DSN C   O    doub N N 81  
DSN C   OXT  sing N N 82  
DSN OXT HXT  sing N N 83  
DSN CB  OG   sing N N 84  
DSN CB  HB2  sing N N 85  
DSN CB  HB3  sing N N 86  
DSN OG  HG   sing N N 87  
GLY N   CA   sing N N 88  
GLY N   H    sing N N 89  
GLY N   H2   sing N N 90  
GLY CA  C    sing N N 91  
GLY CA  HA2  sing N N 92  
GLY CA  HA3  sing N N 93  
GLY C   O    doub N N 94  
GLY C   OXT  sing N N 95  
GLY OXT HXT  sing N N 96  
KYN CA  C    sing N N 97  
KYN O   C    doub N N 98  
KYN C   OXT  sing N N 99  
KYN N   CA   sing N N 100 
KYN N   H    sing N N 101 
KYN N   H2   sing N N 102 
KYN OXT HXT  sing N N 103 
KYN CD2 C1   sing N N 104 
KYN O2  C1   doub N N 105 
KYN C1  CB   sing N N 106 
KYN CG  N1   sing N N 107 
KYN N1  HN1  sing N N 108 
KYN N1  HN1A sing N N 109 
KYN CB  CA   sing N N 110 
KYN CA  HA   sing N N 111 
KYN CB  HB   sing N N 112 
KYN CB  HBA  sing N N 113 
KYN CD1 CG   doub Y N 114 
KYN CD2 CG   sing Y N 115 
KYN CZ  CE1  doub Y N 116 
KYN CZ  CE2  sing Y N 117 
KYN CZ  HZ   sing N N 118 
KYN CE1 CD1  sing Y N 119 
KYN CD1 HD1  sing N N 120 
KYN CE2 CD2  doub Y N 121 
KYN CE1 HE1  sing N N 122 
KYN CE2 HE2  sing N N 123 
LME N   CA   sing N N 124 
LME N   H2   sing N N 125 
LME N   H    sing N N 126 
LME CA  CB   sing N N 127 
LME CA  C    sing N N 128 
LME CA  HA   sing N N 129 
LME CB  C1   sing N N 130 
LME CB  CG   sing N N 131 
LME CB  HB   sing N N 132 
LME C1  H11  sing N N 133 
LME C1  H12  sing N N 134 
LME C1  H13  sing N N 135 
LME CG  CD   sing N N 136 
LME CG  HG2  sing N N 137 
LME CG  HG3  sing N N 138 
LME CD  OE1  doub N N 139 
LME CD  OE2  sing N N 140 
LME OE2 HE2  sing N N 141 
LME C   O    doub N N 142 
LME C   OXT  sing N N 143 
LME OXT HXT  sing N N 144 
ORN N   CA   sing N N 145 
ORN N   H    sing N N 146 
ORN N   H2   sing N N 147 
ORN CA  CB   sing N N 148 
ORN CA  C    sing N N 149 
ORN CA  HA   sing N N 150 
ORN CB  CG   sing N N 151 
ORN CB  HB2  sing N N 152 
ORN CB  HB3  sing N N 153 
ORN CG  CD   sing N N 154 
ORN CG  HG2  sing N N 155 
ORN CG  HG3  sing N N 156 
ORN CD  NE   sing N N 157 
ORN CD  HD2  sing N N 158 
ORN CD  HD3  sing N N 159 
ORN NE  HE1  sing N N 160 
ORN NE  HE2  sing N N 161 
ORN C   O    doub N N 162 
ORN C   OXT  sing N N 163 
ORN OXT HXT  sing N N 164 
THR N   CA   sing N N 165 
THR N   H    sing N N 166 
THR N   H2   sing N N 167 
THR CA  C    sing N N 168 
THR CA  CB   sing N N 169 
THR CA  HA   sing N N 170 
THR C   O    doub N N 171 
THR C   OXT  sing N N 172 
THR CB  OG1  sing N N 173 
THR CB  CG2  sing N N 174 
THR CB  HB   sing N N 175 
THR OG1 HG1  sing N N 176 
THR CG2 HG21 sing N N 177 
THR CG2 HG22 sing N N 178 
THR CG2 HG23 sing N N 179 
THR OXT HXT  sing N N 180 
TRP N   CA   sing N N 181 
TRP N   H    sing N N 182 
TRP N   H2   sing N N 183 
TRP CA  C    sing N N 184 
TRP CA  CB   sing N N 185 
TRP CA  HA   sing N N 186 
TRP C   O    doub N N 187 
TRP C   OXT  sing N N 188 
TRP CB  CG   sing N N 189 
TRP CB  HB2  sing N N 190 
TRP CB  HB3  sing N N 191 
TRP CG  CD1  doub Y N 192 
TRP CG  CD2  sing Y N 193 
TRP CD1 NE1  sing Y N 194 
TRP CD1 HD1  sing N N 195 
TRP CD2 CE2  doub Y N 196 
TRP CD2 CE3  sing Y N 197 
TRP NE1 CE2  sing Y N 198 
TRP NE1 HE1  sing N N 199 
TRP CE2 CZ2  sing Y N 200 
TRP CE3 CZ3  doub Y N 201 
TRP CE3 HE3  sing N N 202 
TRP CZ2 CH2  doub Y N 203 
TRP CZ2 HZ2  sing N N 204 
TRP CZ3 CH2  sing Y N 205 
TRP CZ3 HZ3  sing N N 206 
TRP CH2 HH2  sing N N 207 
TRP OXT HXT  sing N N 208 
# 
_pdbx_nmr_spectrometer.spectrometer_id   1 
_pdbx_nmr_spectrometer.model             DRX 
_pdbx_nmr_spectrometer.manufacturer      Bruker 
_pdbx_nmr_spectrometer.field_strength    600 
# 
_atom_sites.entry_id                    1XT7 
_atom_sites.fract_transf_matrix[1][1]   1.000000 
_atom_sites.fract_transf_matrix[1][2]   0.000000 
_atom_sites.fract_transf_matrix[1][3]   0.000000 
_atom_sites.fract_transf_matrix[2][1]   0.000000 
_atom_sites.fract_transf_matrix[2][2]   1.000000 
_atom_sites.fract_transf_matrix[2][3]   0.000000 
_atom_sites.fract_transf_matrix[3][1]   0.000000 
_atom_sites.fract_transf_matrix[3][2]   0.000000 
_atom_sites.fract_transf_matrix[3][3]   1.000000 
_atom_sites.fract_transf_vector[1]      0.00000 
_atom_sites.fract_transf_vector[2]      0.00000 
_atom_sites.fract_transf_vector[3]      0.00000 
# 
loop_
_atom_type.symbol 
C 
H 
N 
O 
# 
loop_
_atom_site.group_PDB 
_atom_site.id 
_atom_site.type_symbol 
_atom_site.label_atom_id 
_atom_site.label_alt_id 
_atom_site.label_comp_id 
_atom_site.label_asym_id 
_atom_site.label_entity_id 
_atom_site.label_seq_id 
_atom_site.pdbx_PDB_ins_code 
_atom_site.Cartn_x 
_atom_site.Cartn_y 
_atom_site.Cartn_z 
_atom_site.occupancy 
_atom_site.B_iso_or_equiv 
_atom_site.pdbx_formal_charge 
_atom_site.auth_seq_id 
_atom_site.auth_comp_id 
_atom_site.auth_asym_id 
_atom_site.auth_atom_id 
_atom_site.pdbx_PDB_model_num 
ATOM   1   N N    . TRP A 1 1  ? 8.011  -3.073 -5.366 1.00 0.00 ? 2  TRP A N    1 
ATOM   2   C CA   . TRP A 1 1  ? 6.794  -2.280 -5.544 1.00 0.00 ? 2  TRP A CA   1 
ATOM   3   C C    . TRP A 1 1  ? 5.896  -2.400 -4.325 1.00 0.00 ? 2  TRP A C    1 
ATOM   4   O O    . TRP A 1 1  ? 5.842  -3.501 -3.709 1.00 0.00 ? 2  TRP A O    1 
ATOM   5   C CB   . TRP A 1 1  ? 6.023  -2.690 -6.834 1.00 0.00 ? 2  TRP A CB   1 
ATOM   6   C CG   . TRP A 1 1  ? 5.734  -4.165 -6.892 1.00 0.00 ? 2  TRP A CG   1 
ATOM   7   C CD1  . TRP A 1 1  ? 4.659  -4.843 -6.287 1.00 0.00 ? 2  TRP A CD1  1 
ATOM   8   C CD2  . TRP A 1 1  ? 6.533  -5.175 -7.445 1.00 0.00 ? 2  TRP A CD2  1 
ATOM   9   N NE1  . TRP A 1 1  ? 4.798  -6.145 -6.466 1.00 0.00 ? 2  TRP A NE1  1 
ATOM   10  C CE2  . TRP A 1 1  ? 5.898  -6.387 -7.147 1.00 0.00 ? 2  TRP A CE2  1 
ATOM   11  C CE3  . TRP A 1 1  ? 7.738  -5.130 -8.159 1.00 0.00 ? 2  TRP A CE3  1 
ATOM   12  C CZ2  . TRP A 1 1  ? 6.463  -7.609 -7.547 1.00 0.00 ? 2  TRP A CZ2  1 
ATOM   13  C CZ3  . TRP A 1 1  ? 8.306  -6.353 -8.566 1.00 0.00 ? 2  TRP A CZ3  1 
ATOM   14  C CH2  . TRP A 1 1  ? 7.676  -7.578 -8.261 1.00 0.00 ? 2  TRP A CH2  1 
ATOM   15  H H    . TRP A 1 1  ? 7.927  -3.943 -4.881 1.00 0.00 ? 2  TRP A H    1 
ATOM   16  H HA   . TRP A 1 1  ? 7.076  -1.228 -5.641 1.00 0.00 ? 2  TRP A HA   1 
ATOM   17  H HB2  . TRP A 1 1  ? 5.081  -2.138 -6.882 1.00 0.00 ? 2  TRP A HB2  1 
ATOM   18  H HB3  . TRP A 1 1  ? 6.619  -2.410 -7.705 1.00 0.00 ? 2  TRP A HB3  1 
ATOM   19  H HD1  . TRP A 1 1  ? 3.880  -4.389 -5.756 1.00 0.00 ? 2  TRP A HD1  1 
ATOM   20  H HE1  . TRP A 1 1  ? 4.172  -6.835 -6.122 1.00 0.00 ? 2  TRP A HE1  1 
ATOM   21  H HE3  . TRP A 1 1  ? 8.208  -4.217 -8.384 1.00 0.00 ? 2  TRP A HE3  1 
ATOM   22  H HZ2  . TRP A 1 1  ? 5.995  -8.521 -7.319 1.00 0.00 ? 2  TRP A HZ2  1 
ATOM   23  H HZ3  . TRP A 1 1  ? 9.211  -6.353 -9.098 1.00 0.00 ? 2  TRP A HZ3  1 
ATOM   24  H HH2  . TRP A 1 1  ? 8.118  -8.479 -8.571 1.00 0.00 ? 2  TRP A HH2  1 
HETATM 25  N N    . DSG A 1 2  ? 5.191  -1.358 -3.915 1.00 0.00 ? 3  DSG A N    1 
HETATM 26  C CA   . DSG A 1 2  ? 4.299  -1.350 -2.748 1.00 0.00 ? 3  DSG A CA   1 
HETATM 27  C C    . DSG A 1 2  ? 5.001  -1.901 -1.528 1.00 0.00 ? 3  DSG A C    1 
HETATM 28  O O    . DSG A 1 2  ? 4.581  -2.944 -0.954 1.00 0.00 ? 3  DSG A O    1 
HETATM 29  C CB   . DSG A 1 2  ? 2.978  -2.151 -3.071 1.00 0.00 ? 3  DSG A CB   1 
HETATM 30  C CG   . DSG A 1 2  ? 2.170  -1.478 -4.155 1.00 0.00 ? 3  DSG A CG   1 
HETATM 31  O OD1  . DSG A 1 2  ? 2.470  -1.678 -5.365 1.00 0.00 ? 3  DSG A OD1  1 
HETATM 32  N ND2  . DSG A 1 2  ? 1.120  -0.735 -3.860 1.00 0.00 ? 3  DSG A ND2  1 
HETATM 33  H H    . DSG A 1 2  ? 5.235  -0.513 -4.447 1.00 0.00 ? 3  DSG A H    1 
HETATM 34  H HA   . DSG A 1 2  ? 4.011  -0.338 -2.544 1.00 0.00 ? 3  DSG A HA   1 
HETATM 35  H HB2  . DSG A 1 2  ? 3.210  -3.172 -3.381 1.00 0.00 ? 3  DSG A HB2  1 
HETATM 36  H HB3  . DSG A 1 2  ? 2.376  -2.196 -2.163 1.00 0.00 ? 3  DSG A HB3  1 
HETATM 37  H HD21 . DSG A 1 2  ? 0.852  -0.590 -2.913 1.00 0.00 ? 3  DSG A HD21 1 
HETATM 38  H HD22 . DSG A 1 2  ? 0.582  -0.315 -4.586 1.00 0.00 ? 3  DSG A HD22 1 
ATOM   39  N N    . ASP A 1 3  ? 6.030  -1.234 -1.032 1.00 0.00 ? 4  ASP A N    1 
ATOM   40  C CA   . ASP A 1 3  ? 6.612  -1.564 0.291  1.00 0.00 ? 4  ASP A CA   1 
ATOM   41  C C    . ASP A 1 3  ? 5.667  -1.116 1.364  1.00 0.00 ? 4  ASP A C    1 
ATOM   42  O O    . ASP A 1 3  ? 5.382  -1.941 2.276  1.00 0.00 ? 4  ASP A O    1 
ATOM   43  C CB   . ASP A 1 3  ? 8.014  -0.885 0.444  1.00 0.00 ? 4  ASP A CB   1 
ATOM   44  C CG   . ASP A 1 3  ? 9.021  -1.452 -0.531 1.00 0.00 ? 4  ASP A CG   1 
ATOM   45  O OD1  . ASP A 1 3  ? 8.904  -1.185 -1.862 1.00 0.00 ? 4  ASP A OD1  1 
ATOM   46  O OD2  . ASP A 1 3  ? 9.988  -2.145 -0.131 1.00 0.00 ? 4  ASP A OD2  1 
ATOM   47  H H    . ASP A 1 3  ? 6.305  -0.386 -1.484 1.00 0.00 ? 4  ASP A H    1 
ATOM   48  H HA   . ASP A 1 3  ? 6.762  -2.638 0.340  1.00 0.00 ? 4  ASP A HA   1 
ATOM   49  H HB2  . ASP A 1 3  ? 7.934  0.194  0.287  1.00 0.00 ? 4  ASP A HB2  1 
ATOM   50  H HB3  . ASP A 1 3  ? 8.364  -1.056 1.465  1.00 0.00 ? 4  ASP A HB3  1 
ATOM   51  H HD2  . ASP A 1 3  ? 10.103 -2.407 0.753  1.00 0.00 ? 4  ASP A HD2  1 
ATOM   52  N N    . THR A 1 4  ? 5.002  0.022  1.247  1.00 0.00 ? 5  THR A N    1 
ATOM   53  C CA   . THR A 1 4  ? 3.808  0.340  2.033  1.00 0.00 ? 5  THR A CA   1 
ATOM   54  C C    . THR A 1 4  ? 2.648  -0.547 1.618  1.00 0.00 ? 5  THR A C    1 
ATOM   55  O O    . THR A 1 4  ? 2.596  -0.924 0.417  1.00 0.00 ? 5  THR A O    1 
ATOM   56  C CB   . THR A 1 4  ? 3.382  1.831  1.836  1.00 0.00 ? 5  THR A CB   1 
ATOM   57  O OG1  . THR A 1 4  ? 3.387  2.180  0.480  1.00 0.00 ? 5  THR A OG1  1 
ATOM   58  C CG2  . THR A 1 4  ? 4.356  2.787  2.572  1.00 0.00 ? 5  THR A CG2  1 
ATOM   59  H H    . THR A 1 4  ? 5.230  0.619  0.479  1.00 0.00 ? 5  THR A H    1 
ATOM   60  H HA   . THR A 1 4  ? 4.023  0.169  3.092  1.00 0.00 ? 5  THR A HA   1 
ATOM   61  H HB   . THR A 1 4  ? 2.393  1.977  2.268  1.00 0.00 ? 5  THR A HB   1 
ATOM   62  H HG21 . THR A 1 4  ? 4.039  3.820  2.422  1.00 0.00 ? 5  THR A HG21 1 
ATOM   63  H HG22 . THR A 1 4  ? 4.352  2.570  3.643  1.00 0.00 ? 5  THR A HG22 1 
ATOM   64  H HG23 . THR A 1 4  ? 5.369  2.668  2.187  1.00 0.00 ? 5  THR A HG23 1 
ATOM   65  N N    . GLY A 1 5  ? 1.672  -0.802 2.476  1.00 0.00 ? 6  GLY A N    1 
ATOM   66  C CA   . GLY A 1 5  ? 0.337  -1.268 2.108  1.00 0.00 ? 6  GLY A CA   1 
ATOM   67  C C    . GLY A 1 5  ? 0.267  -2.554 1.314  1.00 0.00 ? 6  GLY A C    1 
ATOM   68  O O    . GLY A 1 5  ? -0.076 -3.601 1.930  1.00 0.00 ? 6  GLY A O    1 
ATOM   69  H H    . GLY A 1 5  ? 1.772  -0.446 3.404  1.00 0.00 ? 6  GLY A H    1 
ATOM   70  H HA2  . GLY A 1 5  ? -0.227 -1.416 3.033  1.00 0.00 ? 6  GLY A HA2  1 
ATOM   71  H HA3  . GLY A 1 5  ? -0.167 -0.478 1.548  1.00 0.00 ? 6  GLY A HA3  1 
HETATM 72  N N    . ORN A 1 6  ? 0.330  -2.517 -0.009 1.00 0.00 ? 7  ORN A N    1 
HETATM 73  C CA   . ORN A 1 6  ? -0.105 -3.574 -0.925 1.00 0.00 ? 7  ORN A CA   1 
HETATM 74  C CB   . ORN A 1 6  ? 0.447  -4.998 -0.617 1.00 0.00 ? 7  ORN A CB   1 
HETATM 75  C CG   . ORN A 1 6  ? 1.997  -5.024 -0.528 1.00 0.00 ? 7  ORN A CG   1 
HETATM 76  C CD   . ORN A 1 6  ? 2.564  -6.448 -0.281 1.00 0.00 ? 7  ORN A CD   1 
HETATM 77  N NE   . ORN A 1 6  ? 2.435  -7.336 -1.456 1.00 0.00 ? 7  ORN A NE   1 
HETATM 78  C C    . ORN A 1 6  ? -1.620 -3.530 -1.045 1.00 0.00 ? 7  ORN A C    1 
HETATM 79  O O    . ORN A 1 6  ? -2.283 -4.604 -1.059 1.00 0.00 ? 7  ORN A O    1 
HETATM 80  H H    . ORN A 1 6  ? 0.499  -1.626 -0.430 1.00 0.00 ? 7  ORN A H    1 
HETATM 81  H HA   . ORN A 1 6  ? 0.279  -3.308 -1.916 1.00 0.00 ? 7  ORN A HA   1 
HETATM 82  H HB2  . ORN A 1 6  ? 0.022  -5.378 0.312  1.00 0.00 ? 7  ORN A HB2  1 
HETATM 83  H HB3  . ORN A 1 6  ? 0.134  -5.661 -1.428 1.00 0.00 ? 7  ORN A HB3  1 
HETATM 84  H HG2  . ORN A 1 6  ? 2.317  -4.383 0.298  1.00 0.00 ? 7  ORN A HG2  1 
HETATM 85  H HG3  . ORN A 1 6  ? 2.423  -4.634 -1.453 1.00 0.00 ? 7  ORN A HG3  1 
HETATM 86  H HD2  . ORN A 1 6  ? 2.056  -6.899 0.576  1.00 0.00 ? 7  ORN A HD2  1 
HETATM 87  H HD3  . ORN A 1 6  ? 3.626  -6.354 -0.035 1.00 0.00 ? 7  ORN A HD3  1 
HETATM 88  H HE1  . ORN A 1 6  ? 2.888  -6.917 -2.268 1.00 0.00 ? 7  ORN A HE1  1 
HETATM 89  H HE2  . ORN A 1 6  ? 1.454  -7.507 -1.672 1.00 0.00 ? 7  ORN A HE2  1 
HETATM 90  H HE3  . ORN A 1 6  ? 2.884  -8.230 -1.257 1.00 0.00 ? 7  ORN A HE3  1 
ATOM   91  N N    . ASP A 1 7  ? -2.222 -2.360 -1.199 1.00 0.00 ? 8  ASP A N    1 
ATOM   92  C CA   . ASP A 1 7  ? -3.666 -2.196 -1.372 1.00 0.00 ? 8  ASP A CA   1 
ATOM   93  C C    . ASP A 1 7  ? -3.957 -0.783 -1.847 1.00 0.00 ? 8  ASP A C    1 
ATOM   94  O O    . ASP A 1 7  ? -3.384 0.178  -1.261 1.00 0.00 ? 8  ASP A O    1 
ATOM   95  C CB   . ASP A 1 7  ? -4.437 -2.480 -0.051 1.00 0.00 ? 8  ASP A CB   1 
ATOM   96  C CG   . ASP A 1 7  ? -5.915 -2.652 -0.311 1.00 0.00 ? 8  ASP A CG   1 
ATOM   97  O OD1  . ASP A 1 7  ? -6.356 -3.738 -1.096 1.00 0.00 ? 8  ASP A OD1  1 
ATOM   98  O OD2  . ASP A 1 7  ? -6.780 -1.866 0.166  1.00 0.00 ? 8  ASP A OD2  1 
ATOM   99  H H    . ASP A 1 7  ? -1.657 -1.538 -1.202 1.00 0.00 ? 8  ASP A H    1 
ATOM   100 H HA   . ASP A 1 7  ? -3.993 -2.905 -2.139 1.00 0.00 ? 8  ASP A HA   1 
ATOM   101 H HB2  . ASP A 1 7  ? -4.068 -3.400 0.406  1.00 0.00 ? 8  ASP A HB2  1 
ATOM   102 H HB3  . ASP A 1 7  ? -4.269 -1.663 0.654  1.00 0.00 ? 8  ASP A HB3  1 
ATOM   103 H HD2  . ASP A 1 7  ? -6.541 -1.136 0.702  1.00 0.00 ? 8  ASP A HD2  1 
HETATM 104 N N    . DAL A 1 8  ? -4.786 -0.564 -2.857 1.00 0.00 ? 9  DAL A N    1 
HETATM 105 C CA   . DAL A 1 8  ? -5.050 0.755  -3.437 1.00 0.00 ? 9  DAL A CA   1 
HETATM 106 C CB   . DAL A 1 8  ? -3.848 1.179  -4.326 1.00 0.00 ? 9  DAL A CB   1 
HETATM 107 C C    . DAL A 1 8  ? -5.397 1.802  -2.392 1.00 0.00 ? 9  DAL A C    1 
HETATM 108 O O    . DAL A 1 8  ? -4.894 2.956  -2.490 1.00 0.00 ? 9  DAL A O    1 
HETATM 109 H H    . DAL A 1 8  ? -5.201 -1.352 -3.309 1.00 0.00 ? 9  DAL A H    1 
HETATM 110 H HA   . DAL A 1 8  ? -5.924 0.658  -4.092 1.00 0.00 ? 9  DAL A HA   1 
HETATM 111 H HB1  . DAL A 1 8  ? -2.963 1.349  -3.711 1.00 0.00 ? 9  DAL A HB1  1 
HETATM 112 H HB2  . DAL A 1 8  ? -4.089 2.096  -4.866 1.00 0.00 ? 9  DAL A HB2  1 
HETATM 113 H HB3  . DAL A 1 8  ? -3.631 0.393  -5.050 1.00 0.00 ? 9  DAL A HB3  1 
ATOM   114 N N    . ASP A 1 9  ? -6.197 1.505  -1.380 1.00 0.00 ? 10 ASP A N    1 
ATOM   115 C CA   . ASP A 1 9  ? -6.515 2.448  -0.310 1.00 0.00 ? 10 ASP A CA   1 
ATOM   116 C C    . ASP A 1 9  ? -6.403 1.739  1.030  1.00 0.00 ? 10 ASP A C    1 
ATOM   117 O O    . ASP A 1 9  ? -7.448 1.445  1.676  1.00 0.00 ? 10 ASP A O    1 
ATOM   118 C CB   . ASP A 1 9  ? -7.911 3.082  -0.567 1.00 0.00 ? 10 ASP A CB   1 
ATOM   119 C CG   . ASP A 1 9  ? -8.203 4.193  0.411  1.00 0.00 ? 10 ASP A CG   1 
ATOM   120 O OD1  . ASP A 1 9  ? -7.429 5.312  0.415  1.00 0.00 ? 10 ASP A OD1  1 
ATOM   121 O OD2  . ASP A 1 9  ? -9.166 4.083  1.218  1.00 0.00 ? 10 ASP A OD2  1 
ATOM   122 H H    . ASP A 1 9  ? -6.633 0.607  -1.358 1.00 0.00 ? 10 ASP A H    1 
ATOM   123 H HA   . ASP A 1 9  ? -5.783 3.258  -0.310 1.00 0.00 ? 10 ASP A HA   1 
ATOM   124 H HB2  . ASP A 1 9  ? -7.930 3.503  -1.576 1.00 0.00 ? 10 ASP A HB2  1 
ATOM   125 H HB3  . ASP A 1 9  ? -8.684 2.314  -0.502 1.00 0.00 ? 10 ASP A HB3  1 
ATOM   126 H HD2  . ASP A 1 9  ? -9.363 4.767  1.834  1.00 0.00 ? 10 ASP A HD2  1 
ATOM   127 N N    . GLY A 1 10 ? -5.211 1.427  1.514  1.00 0.00 ? 11 GLY A N    1 
ATOM   128 C CA   . GLY A 1 10 ? -5.031 0.726  2.779  1.00 0.00 ? 11 GLY A CA   1 
ATOM   129 C C    . GLY A 1 10 ? -3.583 0.744  3.217  1.00 0.00 ? 11 GLY A C    1 
ATOM   130 O O    . GLY A 1 10 ? -2.767 -0.007 2.615  1.00 0.00 ? 11 GLY A O    1 
ATOM   131 H H    . GLY A 1 10 ? -4.407 1.607  0.954  1.00 0.00 ? 11 GLY A H    1 
ATOM   132 H HA2  . GLY A 1 10 ? -5.650 1.195  3.548  1.00 0.00 ? 11 GLY A HA2  1 
ATOM   133 H HA3  . GLY A 1 10 ? -5.349 -0.312 2.667  1.00 0.00 ? 11 GLY A HA3  1 
HETATM 134 N N    . DSN A 1 11 ? -3.202 1.479  4.247  1.00 0.00 ? 12 DSN A N    1 
HETATM 135 C CA   . DSN A 1 11 ? -1.829 1.507  4.759  1.00 0.00 ? 12 DSN A CA   1 
HETATM 136 C C    . DSN A 1 11 ? -0.915 2.382  3.923  1.00 0.00 ? 12 DSN A C    1 
HETATM 137 O O    . DSN A 1 11 ? 0.304  2.059  3.871  1.00 0.00 ? 12 DSN A O    1 
HETATM 138 C CB   . DSN A 1 11 ? -1.822 2.006  6.232  1.00 0.00 ? 12 DSN A CB   1 
HETATM 139 O OG   . DSN A 1 11 ? -0.683 2.050  6.746  1.00 0.00 ? 12 DSN A OG   1 
HETATM 140 H H    . DSN A 1 11 ? -3.874 2.088  4.670  1.00 0.00 ? 12 DSN A H    1 
HETATM 141 H HA   . DSN A 1 11 ? -1.438 0.484  4.751  1.00 0.00 ? 12 DSN A HA   1 
HETATM 142 H HB2  . DSN A 1 11 ? -2.179 3.038  6.269  1.00 0.00 ? 12 DSN A HB2  1 
HETATM 143 H HB3  . DSN A 1 11 ? -2.492 1.386  6.833  1.00 0.00 ? 12 DSN A HB3  1 
HETATM 144 H HG   . DSN A 1 11 ? -0.195 1.060  6.731  1.00 0.00 ? 12 DSN A HG   1 
HETATM 145 N N    . LME A 1 12 ? -1.376 3.443  3.278  1.00 0.00 ? 13 LME A N    1 
HETATM 146 C CA   . LME A 1 12 ? -0.579 4.411  2.517  1.00 0.00 ? 13 LME A CA   1 
HETATM 147 C CB   . LME A 1 12 ? 0.060  5.509  3.435  1.00 0.00 ? 13 LME A CB   1 
HETATM 148 C C1   . LME A 1 12 ? 1.183  4.948  4.341  1.00 0.00 ? 13 LME A C1   1 
HETATM 149 C CG   . LME A 1 12 ? -1.010 6.247  4.297  1.00 0.00 ? 13 LME A CG   1 
HETATM 150 C CD   . LME A 1 12 ? -2.095 6.874  3.456  1.00 0.00 ? 13 LME A CD   1 
HETATM 151 O OE1  . LME A 1 12 ? -1.785 7.858  2.567  1.00 0.00 ? 13 LME A OE1  1 
HETATM 152 O OE2  . LME A 1 12 ? -3.286 6.471  3.566  1.00 0.00 ? 13 LME A OE2  1 
HETATM 153 C C    . LME A 1 12 ? 0.391  3.825  1.498  1.00 0.00 ? 13 LME A C    1 
HETATM 154 O O    . LME A 1 12 ? 1.239  4.609  0.987  1.00 0.00 ? 13 LME A O    1 
HETATM 155 H H    . LME A 1 12 ? -2.344 3.664  3.386  1.00 0.00 ? 13 LME A H    1 
HETATM 156 H HA   . LME A 1 12 ? -1.302 4.945  1.891  1.00 0.00 ? 13 LME A HA   1 
HETATM 157 H HB   . LME A 1 12 ? 0.521  6.259  2.782  1.00 0.00 ? 13 LME A HB   1 
HETATM 158 H H11  . LME A 1 12 ? 0.766  4.312  5.128  1.00 0.00 ? 13 LME A H11  1 
HETATM 159 H H12  . LME A 1 12 ? 1.918  4.408  3.777  1.00 0.00 ? 13 LME A H12  1 
HETATM 160 H H13  . LME A 1 12 ? 1.691  5.798  4.849  1.00 0.00 ? 13 LME A H13  1 
HETATM 161 H HG2  . LME A 1 12 ? -0.524 7.042  4.869  1.00 0.00 ? 13 LME A HG2  1 
HETATM 162 H HG3  . LME A 1 12 ? -1.460 5.547  5.004  1.00 0.00 ? 13 LME A HG3  1 
HETATM 163 H HE2  . LME A 1 12 ? -3.976 6.844  3.045  1.00 0.00 ? 13 LME A HE2  1 
HETATM 164 C C    . KYN A 1 13 ? 2.357  2.513  -0.346 1.00 0.00 ? 14 KYN A C    1 
HETATM 165 N N    . KYN A 1 13 ? 0.237  2.601  1.014  1.00 0.00 ? 14 KYN A N    1 
HETATM 166 C C1   . KYN A 1 13 ? -0.281 3.554  -1.931 1.00 0.00 ? 14 KYN A C1   1 
HETATM 167 N N1   . KYN A 1 13 ? -2.483 5.313  -1.839 1.00 0.00 ? 14 KYN A N1   1 
HETATM 168 O O2   . KYN A 1 13 ? 0.380  4.532  -1.582 1.00 0.00 ? 14 KYN A O2   1 
HETATM 169 C CA   . KYN A 1 13 ? 0.924  2.044  -0.152 1.00 0.00 ? 14 KYN A CA   1 
HETATM 170 C CB   . KYN A 1 13 ? 0.040  2.161  -1.435 1.00 0.00 ? 14 KYN A CB   1 
HETATM 171 C CG   . KYN A 1 13 ? -2.312 4.649  -2.910 1.00 0.00 ? 14 KYN A CG   1 
HETATM 172 C CZ   . KYN A 1 13 ? -1.970 3.185  -5.285 1.00 0.00 ? 14 KYN A CZ   1 
HETATM 173 C CD1  . KYN A 1 13 ? -3.191 4.812  -3.989 1.00 0.00 ? 14 KYN A CD1  1 
HETATM 174 C CD2  . KYN A 1 13 ? -1.248 3.739  -3.030 1.00 0.00 ? 14 KYN A CD2  1 
HETATM 175 C CE1  . KYN A 1 13 ? -3.028 4.086  -5.168 1.00 0.00 ? 14 KYN A CE1  1 
HETATM 176 C CE2  . KYN A 1 13 ? -1.086 3.018  -4.219 1.00 0.00 ? 14 KYN A CE2  1 
HETATM 177 O O    . KYN A 1 13 ? 2.703  2.954  -1.444 1.00 0.00 ? 14 KYN A O    1 
HETATM 178 H H    . KYN A 1 13 ? -0.510 2.047  1.373  1.00 0.00 ? 14 KYN A H    1 
HETATM 179 H HN1  . KYN A 1 13 ? -3.230 5.965  -1.739 1.00 0.00 ? 14 KYN A HN1  1 
HETATM 180 H HN1A . KYN A 1 13 ? -1.820 5.172  -1.037 1.00 0.00 ? 14 KYN A HN1A 1 
HETATM 181 H HA   . KYN A 1 13 ? 0.991  0.967  0.017  1.00 0.00 ? 14 KYN A HA   1 
HETATM 182 H HB   . KYN A 1 13 ? -0.911 1.661  -1.229 1.00 0.00 ? 14 KYN A HB   1 
HETATM 183 H HBA  . KYN A 1 13 ? 0.533  1.610  -2.240 1.00 0.00 ? 14 KYN A HBA  1 
HETATM 184 H HZ   . KYN A 1 13 ? -1.827 2.616  -6.220 1.00 0.00 ? 14 KYN A HZ   1 
HETATM 185 H HD1  . KYN A 1 13 ? -4.038 5.518  -3.924 1.00 0.00 ? 14 KYN A HD1  1 
HETATM 186 H HE1  . KYN A 1 13 ? -3.731 4.224  -6.009 1.00 0.00 ? 14 KYN A HE1  1 
HETATM 187 H HE2  . KYN A 1 13 ? -0.243 2.319  -4.348 1.00 0.00 ? 14 KYN A HE2  1 
HETATM 188 C C1   . DKA B 2 .  ? 9.162  -2.776 -5.945 1.00 0.00 ? 1  DKA A C1   1 
HETATM 189 O O1   . DKA B 2 .  ? 9.262  -1.731 -6.647 1.00 0.00 ? 1  DKA A O1   1 
HETATM 190 C C2   . DKA B 2 .  ? 10.398 -3.647 -5.844 1.00 0.00 ? 1  DKA A C2   1 
HETATM 191 C C3   . DKA B 2 .  ? 10.172 -5.048 -5.215 1.00 0.00 ? 1  DKA A C3   1 
HETATM 192 C C4   . DKA B 2 .  ? 11.424 -5.963 -5.298 1.00 0.00 ? 1  DKA A C4   1 
HETATM 193 C C5   . DKA B 2 .  ? 12.581 -5.490 -4.376 1.00 0.00 ? 1  DKA A C5   1 
HETATM 194 C C6   . DKA B 2 .  ? 13.769 -6.489 -4.411 1.00 0.00 ? 1  DKA A C6   1 
HETATM 195 C C7   . DKA B 2 .  ? 14.910 -6.060 -3.502 1.00 0.00 ? 1  DKA A C7   1 
HETATM 196 C C8   . DKA B 2 .  ? 16.090 -7.042 -3.401 1.00 0.00 ? 1  DKA A C8   1 
HETATM 197 C C9   . DKA B 2 .  ? 16.895 -7.146 -4.724 1.00 0.00 ? 1  DKA A C9   1 
HETATM 198 C C10  . DKA B 2 .  ? 18.105 -8.100 -4.573 1.00 0.00 ? 1  DKA A C10  1 
HETATM 199 H H21  . DKA B 2 .  ? 11.143 -3.104 -5.258 1.00 0.00 ? 1  DKA A H21  1 
HETATM 200 H H22  . DKA B 2 .  ? 10.788 -3.779 -6.858 1.00 0.00 ? 1  DKA A H22  1 
HETATM 201 H H31  . DKA B 2 .  ? 9.363  -5.550 -5.752 1.00 0.00 ? 1  DKA A H31  1 
HETATM 202 H H32  . DKA B 2 .  ? 9.878  -4.938 -4.169 1.00 0.00 ? 1  DKA A H32  1 
HETATM 203 H H41  . DKA B 2 .  ? 11.774 -6.006 -6.332 1.00 0.00 ? 1  DKA A H41  1 
HETATM 204 H H42  . DKA B 2 .  ? 11.127 -6.969 -4.993 1.00 0.00 ? 1  DKA A H42  1 
HETATM 205 H H51  . DKA B 2 .  ? 12.933 -4.510 -4.706 1.00 0.00 ? 1  DKA A H51  1 
HETATM 206 H H52  . DKA B 2 .  ? 11.693 -5.458 -3.537 1.00 0.00 ? 1  DKA A H52  1 
HETATM 207 H H61  . DKA B 2 .  ? 14.135 -6.564 -5.436 1.00 0.00 ? 1  DKA A H61  1 
HETATM 208 H H62  . DKA B 2 .  ? 13.421 -7.472 -4.085 1.00 0.00 ? 1  DKA A H62  1 
HETATM 209 H H71  . DKA B 2 .  ? 15.306 -5.060 -3.829 1.00 0.00 ? 1  DKA A H71  1 
HETATM 210 H H72  . DKA B 2 .  ? 14.522 -5.886 -2.472 1.00 0.00 ? 1  DKA A H72  1 
HETATM 211 H H81  . DKA B 2 .  ? 16.765 -6.720 -2.605 1.00 0.00 ? 1  DKA A H81  1 
HETATM 212 H H82  . DKA B 2 .  ? 15.694 -8.025 -3.137 1.00 0.00 ? 1  DKA A H82  1 
HETATM 213 H H91  . DKA B 2 .  ? 17.261 -6.156 -5.006 1.00 0.00 ? 1  DKA A H91  1 
HETATM 214 H H92  . DKA B 2 .  ? 16.251 -7.524 -5.521 1.00 0.00 ? 1  DKA A H92  1 
HETATM 215 H H101 . DKA B 2 .  ? 18.779 -7.731 -3.799 1.00 0.00 ? 1  DKA A H101 1 
HETATM 216 H H102 . DKA B 2 .  ? 18.648 -8.152 -5.519 1.00 0.00 ? 1  DKA A H102 1 
HETATM 217 H H103 . DKA B 2 .  ? 17.762 -9.101 -4.307 1.00 0.00 ? 1  DKA A H103 1 
# 
